data_1K4A
#
_entry.id   1K4A
#
_entity_poly.entity_id   1
_entity_poly.type   'polyribonucleotide'
_entity_poly.pdbx_seq_one_letter_code
;GGUUCAGAAGAACC
;
_entity_poly.pdbx_strand_id   A
#
loop_
_chem_comp.id
_chem_comp.type
_chem_comp.name
_chem_comp.formula
A RNA linking ADENOSINE-5'-MONOPHOSPHATE 'C10 H14 N5 O7 P'
C RNA linking CYTIDINE-5'-MONOPHOSPHATE 'C9 H14 N3 O8 P'
G RNA linking GUANOSINE-5'-MONOPHOSPHATE 'C10 H14 N5 O8 P'
U RNA linking URIDINE-5'-MONOPHOSPHATE 'C9 H13 N2 O9 P'
#